data_4NJC
#
_entry.id   4NJC
#
_cell.length_a   35.650
_cell.length_b   82.780
_cell.length_c   83.430
_cell.angle_alpha   90.00
_cell.angle_beta   92.76
_cell.angle_gamma   90.00
#
_symmetry.space_group_name_H-M   'P 1 21 1'
#
loop_
_entity.id
_entity.type
_entity.pdbx_description
1 polymer 'Geobacillus stearothermophilus YkzG'
2 water water
#
_entity_poly.entity_id   1
_entity_poly.type   'polypeptide(L)'
_entity_poly.pdbx_seq_one_letter_code
;(MSE)HHHHHH(MSE)IFKVFYQEDADEAPVREKTKT(MSE)YIEAESERDVRRKLEGRPINIEYIQPLEGAHLEYE
;
_entity_poly.pdbx_strand_id   A,B,C,D,E,F,G,H
#
# COMPACT_ATOMS: atom_id res chain seq x y z
N HIS A 6 12.74 -2.79 6.50
CA HIS A 6 11.84 -1.83 7.12
C HIS A 6 10.57 -1.65 6.29
N HIS A 7 9.96 -2.78 5.91
CA HIS A 7 8.72 -2.77 5.15
C HIS A 7 7.52 -2.54 6.07
N ILE A 9 2.94 -1.12 6.05
CA ILE A 9 1.70 -0.90 5.32
C ILE A 9 1.43 0.58 5.18
N PHE A 10 0.87 0.96 4.03
CA PHE A 10 0.58 2.35 3.71
C PHE A 10 -0.88 2.51 3.36
N LYS A 11 -1.45 3.64 3.76
CA LYS A 11 -2.79 4.03 3.33
C LYS A 11 -2.67 5.03 2.19
N VAL A 12 -3.14 4.64 1.02
CA VAL A 12 -3.04 5.48 -0.17
C VAL A 12 -4.39 6.12 -0.47
N PHE A 13 -4.47 7.43 -0.25
CA PHE A 13 -5.62 8.20 -0.70
C PHE A 13 -5.43 8.50 -2.18
N TYR A 14 -6.33 8.01 -3.02
CA TYR A 14 -6.19 8.16 -4.46
C TYR A 14 -7.53 8.43 -5.12
N GLN A 15 -7.46 9.06 -6.29
CA GLN A 15 -8.63 9.26 -7.13
C GLN A 15 -8.47 8.51 -8.44
N GLU A 16 -9.56 7.90 -8.90
CA GLU A 16 -9.52 7.16 -10.14
C GLU A 16 -9.36 8.12 -11.32
N ASP A 17 -8.31 7.91 -12.10
CA ASP A 17 -8.12 8.68 -13.32
C ASP A 17 -8.88 7.99 -14.44
N ALA A 18 -8.46 6.74 -14.71
CA ALA A 18 -9.14 5.79 -15.61
C ALA A 18 -10.32 6.33 -16.42
N ASP A 19 -10.07 7.19 -17.41
CA ASP A 19 -8.74 7.72 -17.72
C ASP A 19 -8.90 9.20 -18.06
N GLU A 20 -9.85 9.49 -18.94
CA GLU A 20 -10.15 10.85 -19.36
C GLU A 20 -11.63 10.94 -19.74
N ALA A 21 -12.28 11.99 -19.25
CA ALA A 21 -13.73 12.21 -19.28
C ALA A 21 -14.02 12.96 -18.00
N PRO A 22 -13.97 14.29 -18.03
CA PRO A 22 -13.83 15.03 -16.77
C PRO A 22 -15.08 14.99 -15.88
N VAL A 23 -14.98 14.23 -14.79
CA VAL A 23 -16.05 14.14 -13.80
C VAL A 23 -15.50 14.31 -12.40
N ARG A 24 -16.36 14.69 -11.46
CA ARG A 24 -15.98 14.71 -10.06
C ARG A 24 -15.80 13.27 -9.58
N GLU A 25 -14.61 12.96 -9.08
CA GLU A 25 -14.30 11.60 -8.64
C GLU A 25 -14.35 11.49 -7.13
N LYS A 26 -14.75 10.31 -6.65
CA LYS A 26 -14.70 10.00 -5.23
C LYS A 26 -13.29 9.62 -4.82
N THR A 27 -12.77 10.29 -3.79
CA THR A 27 -11.49 9.89 -3.22
C THR A 27 -11.64 8.51 -2.61
N LYS A 28 -10.77 7.59 -3.03
CA LYS A 28 -10.78 6.21 -2.53
C LYS A 28 -9.53 5.93 -1.72
N THR A 29 -9.51 4.80 -1.02
CA THR A 29 -8.39 4.40 -0.19
C THR A 29 -7.91 2.99 -0.52
N TYR A 31 -4.94 -0.03 0.95
CA TYR A 31 -3.92 -0.48 1.89
C TYR A 31 -2.95 -1.42 1.17
N ILE A 32 -1.67 -1.06 1.19
CA ILE A 32 -0.67 -1.73 0.38
C ILE A 32 0.64 -1.85 1.12
N GLU A 33 1.31 -2.99 0.94
CA GLU A 33 2.62 -3.21 1.55
C GLU A 33 3.73 -2.66 0.65
N ALA A 34 4.75 -2.08 1.27
CA ALA A 34 5.87 -1.51 0.52
C ALA A 34 7.02 -1.17 1.45
N GLU A 35 8.18 -0.85 0.88
CA GLU A 35 9.38 -0.52 1.65
C GLU A 35 9.39 0.94 2.06
N SER A 36 8.63 1.76 1.35
CA SER A 36 8.66 3.20 1.55
C SER A 36 7.64 3.86 0.64
N GLU A 37 7.54 5.17 0.75
CA GLU A 37 6.59 5.93 -0.04
C GLU A 37 6.93 5.81 -1.52
N ARG A 38 8.20 5.97 -1.85
CA ARG A 38 8.65 5.86 -3.23
C ARG A 38 8.26 4.50 -3.82
N ASP A 39 8.41 3.46 -3.00
CA ASP A 39 8.08 2.10 -3.41
C ASP A 39 6.58 1.96 -3.70
N VAL A 40 5.74 2.66 -2.93
CA VAL A 40 4.31 2.67 -3.22
C VAL A 40 4.04 3.23 -4.61
N ARG A 41 4.60 4.41 -4.89
CA ARG A 41 4.38 5.06 -6.17
C ARG A 41 4.85 4.16 -7.31
N ARG A 42 5.99 3.49 -7.10
CA ARG A 42 6.51 2.56 -8.08
C ARG A 42 5.52 1.44 -8.38
N LYS A 43 5.00 0.83 -7.32
CA LYS A 43 4.07 -0.29 -7.43
C LYS A 43 2.76 0.11 -8.14
N LEU A 44 2.36 1.36 -8.00
CA LEU A 44 1.10 1.83 -8.54
C LEU A 44 1.25 2.65 -9.84
N GLU A 45 2.48 2.86 -10.30
CA GLU A 45 2.66 3.58 -11.56
C GLU A 45 2.21 2.65 -12.67
N GLY A 46 1.56 3.21 -13.69
CA GLY A 46 1.03 2.40 -14.77
C GLY A 46 -0.42 2.01 -14.55
N ARG A 47 -0.91 2.23 -13.32
CA ARG A 47 -2.31 2.00 -13.01
C ARG A 47 -3.07 3.32 -13.12
N PRO A 48 -4.27 3.30 -13.70
CA PRO A 48 -4.95 4.55 -14.06
C PRO A 48 -5.56 5.25 -12.84
N ILE A 49 -4.70 5.69 -11.94
CA ILE A 49 -5.13 6.39 -10.72
C ILE A 49 -4.22 7.58 -10.45
N ASN A 50 -4.71 8.49 -9.62
CA ASN A 50 -3.94 9.64 -9.16
C ASN A 50 -3.88 9.65 -7.65
N ILE A 51 -2.67 9.49 -7.11
CA ILE A 51 -2.43 9.48 -5.67
C ILE A 51 -2.53 10.90 -5.10
N GLU A 52 -3.41 11.09 -4.13
CA GLU A 52 -3.53 12.38 -3.45
C GLU A 52 -2.55 12.47 -2.30
N TYR A 53 -2.43 11.37 -1.56
CA TYR A 53 -1.67 11.35 -0.33
C TYR A 53 -1.36 9.91 0.08
N ILE A 54 -0.14 9.69 0.57
CA ILE A 54 0.28 8.39 1.06
C ILE A 54 0.56 8.54 2.55
N GLN A 55 0.01 7.63 3.35
CA GLN A 55 0.12 7.70 4.81
C GLN A 55 0.76 6.41 5.33
N PRO A 56 1.92 6.53 6.00
CA PRO A 56 2.45 5.32 6.66
C PRO A 56 1.55 4.91 7.83
N LEU A 57 1.34 3.60 8.02
CA LEU A 57 0.50 3.10 9.09
C LEU A 57 1.29 2.25 10.09
N GLU A 58 1.73 2.86 11.18
CA GLU A 58 2.49 2.14 12.18
C GLU A 58 1.63 1.05 12.84
N GLY A 59 2.23 -0.12 13.05
CA GLY A 59 1.54 -1.22 13.71
C GLY A 59 0.45 -1.84 12.87
N ALA A 60 0.48 -1.56 11.56
CA ALA A 60 -0.51 -2.10 10.63
C ALA A 60 -0.01 -3.40 9.99
N HIS A 61 -0.95 -4.25 9.57
CA HIS A 61 -0.62 -5.54 8.98
C HIS A 61 -1.66 -5.98 7.96
N LEU A 62 -1.25 -6.87 7.06
CA LEU A 62 -2.17 -7.53 6.14
C LEU A 62 -2.36 -8.97 6.60
N GLU A 63 -3.26 -9.71 5.96
CA GLU A 63 -3.62 -11.05 6.43
C GLU A 63 -2.47 -12.05 6.36
N TYR A 64 -1.82 -12.13 5.19
CA TYR A 64 -0.72 -13.07 4.96
C TYR A 64 0.58 -12.33 4.74
N GLU A 65 1.43 -12.33 5.77
CA GLU A 65 2.72 -11.66 5.71
C GLU A 65 3.88 -12.64 5.82
N HIS B 7 -2.68 15.85 -13.20
CA HIS B 7 -1.35 15.43 -12.76
C HIS B 7 -0.31 15.55 -13.87
N ILE B 9 4.36 16.53 -14.39
CA ILE B 9 5.67 16.67 -13.77
C ILE B 9 6.11 18.13 -13.80
N PHE B 10 6.80 18.55 -12.75
CA PHE B 10 7.31 19.91 -12.64
C PHE B 10 8.78 19.86 -12.28
N LYS B 11 9.51 20.87 -12.74
CA LYS B 11 10.92 21.00 -12.43
C LYS B 11 11.07 22.17 -11.46
N VAL B 12 11.51 21.86 -10.24
CA VAL B 12 11.65 22.89 -9.21
C VAL B 12 13.10 23.28 -9.06
N PHE B 13 13.40 24.55 -9.35
CA PHE B 13 14.71 25.10 -9.06
C PHE B 13 14.71 25.60 -7.63
N TYR B 14 15.71 25.22 -6.86
CA TYR B 14 15.75 25.59 -5.46
C TYR B 14 17.16 25.72 -4.91
N GLN B 15 17.28 26.48 -3.84
CA GLN B 15 18.52 26.57 -3.07
C GLN B 15 18.28 26.09 -1.65
N GLU B 16 19.27 25.44 -1.07
CA GLU B 16 19.16 24.92 0.29
C GLU B 16 19.41 26.04 1.31
N ASP B 17 18.60 26.08 2.36
CA ASP B 17 18.73 27.11 3.39
C ASP B 17 20.04 26.99 4.17
N LYS B 26 24.43 26.57 -3.69
CA LYS B 26 24.09 26.88 -5.08
C LYS B 26 22.72 26.33 -5.45
N THR B 27 22.40 26.35 -6.74
CA THR B 27 21.07 25.95 -7.21
C THR B 27 21.04 24.49 -7.67
N LYS B 28 20.19 23.71 -7.02
CA LYS B 28 19.94 22.32 -7.41
C LYS B 28 18.51 22.22 -7.89
N THR B 29 18.15 21.09 -8.51
CA THR B 29 16.81 20.91 -9.05
C THR B 29 16.10 19.69 -8.49
N TYR B 31 12.59 17.03 -9.51
CA TYR B 31 11.51 16.61 -10.40
C TYR B 31 10.41 15.94 -9.59
N ILE B 32 9.22 16.52 -9.64
CA ILE B 32 8.14 16.12 -8.73
C ILE B 32 6.79 16.04 -9.45
N GLU B 33 6.02 15.01 -9.11
CA GLU B 33 4.68 14.84 -9.66
C GLU B 33 3.67 15.62 -8.83
N ALA B 34 2.84 16.41 -9.50
CA ALA B 34 1.83 17.22 -8.81
C ALA B 34 0.74 17.67 -9.77
N GLU B 35 -0.28 18.32 -9.20
CA GLU B 35 -1.43 18.76 -9.97
C GLU B 35 -1.25 20.18 -10.50
N SER B 36 -0.39 20.94 -9.85
CA SER B 36 -0.19 22.34 -10.21
C SER B 36 1.00 22.92 -9.45
N GLU B 37 1.38 24.14 -9.81
CA GLU B 37 2.49 24.82 -9.14
C GLU B 37 2.17 25.03 -7.68
N ARG B 38 0.92 25.39 -7.38
CA ARG B 38 0.50 25.61 -6.00
C ARG B 38 0.63 24.32 -5.21
N ASP B 39 0.26 23.21 -5.85
CA ASP B 39 0.33 21.90 -5.22
C ASP B 39 1.79 21.55 -4.92
N VAL B 40 2.67 21.90 -5.84
CA VAL B 40 4.10 21.69 -5.65
C VAL B 40 4.54 22.47 -4.42
N ARG B 41 4.16 23.75 -4.35
CA ARG B 41 4.59 24.58 -3.24
C ARG B 41 4.06 24.05 -1.92
N ARG B 42 2.81 23.61 -1.90
CA ARG B 42 2.23 23.01 -0.69
C ARG B 42 2.99 21.75 -0.31
N LYS B 43 3.34 20.95 -1.31
CA LYS B 43 4.03 19.69 -1.06
C LYS B 43 5.41 19.94 -0.47
N LEU B 44 6.04 21.03 -0.87
CA LEU B 44 7.40 21.32 -0.44
C LEU B 44 7.42 22.31 0.72
N GLU B 45 6.27 22.90 1.02
CA GLU B 45 6.16 23.80 2.17
C GLU B 45 6.49 23.02 3.43
N GLY B 46 7.59 23.40 4.08
CA GLY B 46 8.04 22.74 5.30
C GLY B 46 9.46 22.23 5.19
N ARG B 47 9.90 21.93 3.96
CA ARG B 47 11.26 21.48 3.74
C ARG B 47 12.23 22.66 3.82
N PRO B 48 13.47 22.42 4.27
CA PRO B 48 14.46 23.50 4.36
C PRO B 48 14.93 23.91 2.97
N ILE B 49 14.09 24.67 2.28
CA ILE B 49 14.31 24.98 0.87
C ILE B 49 13.79 26.36 0.51
N ASN B 50 14.46 27.00 -0.43
CA ASN B 50 13.98 28.23 -1.03
C ASN B 50 13.74 27.99 -2.51
N ILE B 51 12.48 28.04 -2.92
CA ILE B 51 12.11 27.78 -4.31
C ILE B 51 12.39 29.02 -5.14
N GLU B 52 13.18 28.85 -6.20
CA GLU B 52 13.48 29.95 -7.09
C GLU B 52 12.48 30.00 -8.23
N TYR B 53 12.08 28.83 -8.71
CA TYR B 53 11.24 28.75 -9.89
C TYR B 53 10.68 27.35 -10.06
N ILE B 54 9.47 27.28 -10.60
CA ILE B 54 8.81 26.01 -10.87
C ILE B 54 8.46 25.96 -12.36
N GLN B 55 8.97 24.94 -13.04
CA GLN B 55 8.79 24.78 -14.48
C GLN B 55 7.95 23.54 -14.81
N PRO B 56 6.74 23.74 -15.36
CA PRO B 56 5.99 22.55 -15.76
C PRO B 56 6.61 21.93 -17.01
N LEU B 57 6.54 20.61 -17.15
CA LEU B 57 7.20 19.90 -18.25
C LEU B 57 6.19 19.19 -19.15
N GLU B 58 6.14 19.61 -20.41
CA GLU B 58 5.22 19.03 -21.38
C GLU B 58 5.60 17.59 -21.73
N GLY B 59 4.59 16.74 -21.85
CA GLY B 59 4.77 15.37 -22.30
C GLY B 59 5.82 14.60 -21.53
N ALA B 60 5.96 14.92 -20.25
CA ALA B 60 6.93 14.27 -19.39
C ALA B 60 6.23 13.43 -18.34
N HIS B 61 6.93 12.44 -17.82
CA HIS B 61 6.42 11.64 -16.72
C HIS B 61 7.59 11.05 -15.94
N LEU B 62 7.31 10.55 -14.75
CA LEU B 62 8.36 10.10 -13.85
C LEU B 62 8.40 8.58 -13.73
N GLU B 63 9.55 8.07 -13.29
CA GLU B 63 9.72 6.64 -13.05
C GLU B 63 10.39 6.44 -11.71
N TYR B 64 9.75 5.65 -10.85
CA TYR B 64 10.25 5.46 -9.48
C TYR B 64 11.09 4.20 -9.36
N GLU B 65 11.10 3.39 -10.42
CA GLU B 65 11.86 2.14 -10.44
C GLU B 65 13.33 2.34 -10.05
N HIS C 7 -7.25 -24.24 -8.65
CA HIS C 7 -7.63 -24.51 -10.04
C HIS C 7 -6.39 -24.67 -10.92
N ILE C 9 -1.73 -24.59 -10.64
CA ILE C 9 -0.49 -24.37 -9.90
C ILE C 9 0.39 -23.40 -10.67
N PHE C 10 0.94 -22.43 -9.96
CA PHE C 10 1.78 -21.42 -10.58
C PHE C 10 3.18 -21.46 -9.99
N LYS C 11 4.19 -21.33 -10.84
CA LYS C 11 5.57 -21.17 -10.40
C LYS C 11 5.90 -19.69 -10.37
N VAL C 12 6.28 -19.20 -9.19
CA VAL C 12 6.53 -17.79 -8.99
C VAL C 12 8.01 -17.53 -8.79
N PHE C 13 8.60 -16.74 -9.69
CA PHE C 13 9.96 -16.26 -9.52
C PHE C 13 9.94 -14.94 -8.79
N TYR C 14 10.70 -14.84 -7.70
CA TYR C 14 10.67 -13.65 -6.86
C TYR C 14 11.99 -13.40 -6.16
N GLN C 15 12.18 -12.15 -5.72
CA GLN C 15 13.33 -11.77 -4.90
C GLN C 15 12.87 -11.26 -3.53
N GLU C 16 13.78 -11.24 -2.57
CA GLU C 16 13.48 -10.75 -1.23
C GLU C 16 13.65 -9.24 -1.14
N LYS C 26 20.03 -15.51 -6.33
CA LYS C 26 19.32 -14.31 -5.89
C LYS C 26 17.82 -14.48 -6.10
N THR C 27 17.44 -14.92 -7.30
CA THR C 27 16.05 -15.19 -7.62
C THR C 27 15.64 -16.51 -6.97
N LYS C 28 14.47 -16.51 -6.36
CA LYS C 28 13.96 -17.69 -5.68
C LYS C 28 12.69 -18.13 -6.38
N THR C 29 12.25 -19.35 -6.10
CA THR C 29 11.04 -19.89 -6.70
C THR C 29 10.09 -20.43 -5.65
N TYR C 31 5.98 -22.43 -5.45
CA TYR C 31 4.83 -22.99 -6.14
C TYR C 31 3.58 -22.79 -5.30
N ILE C 32 2.50 -22.37 -5.96
CA ILE C 32 1.28 -21.97 -5.26
C ILE C 32 0.06 -22.31 -6.09
N GLU C 33 -1.05 -22.62 -5.42
CA GLU C 33 -2.32 -22.89 -6.09
C GLU C 33 -3.18 -21.63 -6.12
N ALA C 34 -3.78 -21.35 -7.27
CA ALA C 34 -4.57 -20.13 -7.44
C ALA C 34 -5.49 -20.25 -8.64
N GLU C 35 -6.39 -19.28 -8.79
CA GLU C 35 -7.34 -19.26 -9.89
C GLU C 35 -6.75 -18.62 -11.14
N SER C 36 -5.80 -17.72 -10.94
CA SER C 36 -5.19 -16.98 -12.04
C SER C 36 -3.95 -16.24 -11.58
N GLU C 37 -3.25 -15.62 -12.52
CA GLU C 37 -2.05 -14.85 -12.20
C GLU C 37 -2.37 -13.77 -11.18
N ARG C 38 -3.46 -13.03 -11.42
CA ARG C 38 -3.82 -11.94 -10.53
C ARG C 38 -4.18 -12.48 -9.14
N ASP C 39 -4.70 -13.70 -9.11
CA ASP C 39 -5.06 -14.32 -7.85
C ASP C 39 -3.79 -14.62 -7.05
N VAL C 40 -2.72 -14.98 -7.77
CA VAL C 40 -1.45 -15.25 -7.11
C VAL C 40 -0.93 -13.97 -6.46
N ARG C 41 -0.94 -12.87 -7.22
CA ARG C 41 -0.48 -11.60 -6.71
C ARG C 41 -1.29 -11.17 -5.50
N ARG C 42 -2.58 -11.47 -5.55
CA ARG C 42 -3.50 -11.19 -4.45
C ARG C 42 -3.03 -11.88 -3.17
N LYS C 43 -2.78 -13.18 -3.27
CA LYS C 43 -2.39 -13.98 -2.11
C LYS C 43 -1.03 -13.59 -1.56
N LEU C 44 -0.18 -13.02 -2.40
CA LEU C 44 1.18 -12.67 -2.00
C LEU C 44 1.32 -11.17 -1.72
N GLU C 45 0.26 -10.41 -1.95
CA GLU C 45 0.32 -8.94 -1.87
C GLU C 45 0.80 -8.43 -0.51
N GLY C 46 0.71 -9.29 0.50
CA GLY C 46 1.10 -8.92 1.85
C GLY C 46 2.52 -9.30 2.19
N ARG C 47 3.15 -10.12 1.35
CA ARG C 47 4.50 -10.62 1.62
C ARG C 47 5.56 -9.68 1.07
N PRO C 48 6.63 -9.41 1.86
CA PRO C 48 7.64 -8.43 1.45
C PRO C 48 8.60 -8.97 0.40
N ILE C 49 8.06 -9.25 -0.78
CA ILE C 49 8.84 -9.76 -1.90
C ILE C 49 8.55 -8.93 -3.13
N ASN C 50 9.29 -9.20 -4.20
CA ASN C 50 9.01 -8.61 -5.50
C ASN C 50 8.98 -9.71 -6.55
N ILE C 51 7.86 -9.82 -7.25
CA ILE C 51 7.65 -10.88 -8.22
C ILE C 51 8.23 -10.48 -9.58
N GLU C 52 9.05 -11.38 -10.13
CA GLU C 52 9.65 -11.17 -11.44
C GLU C 52 8.75 -11.75 -12.53
N TYR C 53 8.22 -12.94 -12.27
CA TYR C 53 7.43 -13.66 -13.25
C TYR C 53 6.59 -14.73 -12.59
N ILE C 54 5.40 -14.96 -13.13
CA ILE C 54 4.48 -15.98 -12.65
C ILE C 54 4.19 -16.93 -13.81
N GLN C 55 4.52 -18.20 -13.62
CA GLN C 55 4.42 -19.20 -14.68
C GLN C 55 3.31 -20.20 -14.41
N PRO C 56 2.22 -20.16 -15.21
CA PRO C 56 1.21 -21.21 -15.06
C PRO C 56 1.75 -22.57 -15.46
N LEU C 57 1.45 -23.60 -14.66
CA LEU C 57 1.94 -24.96 -14.91
C LEU C 57 0.82 -25.88 -15.38
N GLU C 58 0.98 -26.45 -16.56
CA GLU C 58 0.01 -27.40 -17.11
C GLU C 58 0.18 -28.76 -16.46
N GLY C 59 -0.94 -29.36 -16.05
CA GLY C 59 -0.95 -30.70 -15.50
C GLY C 59 -0.26 -30.81 -14.14
N ALA C 60 -0.11 -29.69 -13.46
CA ALA C 60 0.56 -29.66 -12.16
C ALA C 60 -0.44 -29.77 -11.02
N HIS C 61 0.00 -30.37 -9.91
CA HIS C 61 -0.82 -30.51 -8.71
C HIS C 61 0.07 -30.42 -7.46
N LEU C 62 -0.54 -30.15 -6.31
CA LEU C 62 0.17 -30.20 -5.04
C LEU C 62 -0.14 -31.49 -4.31
N GLU C 63 0.28 -31.60 -3.06
CA GLU C 63 0.07 -32.80 -2.27
C GLU C 63 -1.42 -33.00 -1.95
N HIS D 7 -18.10 -8.76 -0.51
CA HIS D 7 -16.66 -8.51 -0.42
C HIS D 7 -16.36 -7.07 -0.07
N ILE D 9 -13.39 -4.57 2.74
CA ILE D 9 -12.23 -4.55 3.62
C ILE D 9 -12.63 -4.17 5.04
N PHE D 10 -12.00 -4.82 6.02
CA PHE D 10 -12.25 -4.54 7.42
C PHE D 10 -10.95 -4.15 8.10
N LYS D 11 -11.06 -3.25 9.08
CA LYS D 11 -9.93 -2.89 9.93
C LYS D 11 -10.11 -3.57 11.29
N VAL D 12 -9.14 -4.39 11.65
CA VAL D 12 -9.22 -5.20 12.86
C VAL D 12 -8.23 -4.73 13.91
N PHE D 13 -8.73 -4.26 15.05
CA PHE D 13 -7.88 -3.91 16.17
C PHE D 13 -7.65 -5.15 17.03
N TYR D 14 -6.40 -5.40 17.41
CA TYR D 14 -6.06 -6.62 18.13
C TYR D 14 -4.76 -6.51 18.91
N GLN D 15 -4.56 -7.48 19.81
CA GLN D 15 -3.39 -7.56 20.67
C GLN D 15 -2.69 -8.90 20.50
N GLU D 16 -1.45 -8.99 20.96
CA GLU D 16 -0.72 -10.25 20.99
C GLU D 16 -0.85 -10.90 22.37
N ASP D 17 -0.68 -12.21 22.43
CA ASP D 17 -0.75 -12.93 23.70
C ASP D 17 0.49 -12.65 24.54
N LYS D 26 -0.42 -2.45 23.95
CA LYS D 26 -0.33 -1.73 22.69
C LYS D 26 -1.25 -2.35 21.63
N THR D 27 -1.89 -1.50 20.84
CA THR D 27 -2.89 -1.94 19.89
C THR D 27 -2.34 -1.97 18.46
N LYS D 28 -2.37 -3.15 17.85
CA LYS D 28 -2.00 -3.33 16.46
C LYS D 28 -3.26 -3.33 15.59
N THR D 29 -3.07 -3.19 14.28
CA THR D 29 -4.20 -3.18 13.35
C THR D 29 -3.94 -4.09 12.17
N TYR D 31 -5.62 -5.05 8.23
CA TYR D 31 -6.57 -4.78 7.17
C TYR D 31 -6.79 -6.07 6.39
N ILE D 32 -8.05 -6.51 6.32
CA ILE D 32 -8.37 -7.82 5.78
C ILE D 32 -9.66 -7.83 4.97
N GLU D 33 -9.66 -8.66 3.93
CA GLU D 33 -10.83 -8.80 3.06
C GLU D 33 -11.67 -9.97 3.52
N ALA D 34 -12.97 -9.76 3.59
CA ALA D 34 -13.90 -10.81 4.02
C ALA D 34 -15.33 -10.43 3.66
N GLU D 35 -16.25 -11.35 3.91
CA GLU D 35 -17.65 -11.14 3.58
C GLU D 35 -18.37 -10.37 4.68
N SER D 36 -17.91 -10.53 5.91
CA SER D 36 -18.56 -9.92 7.07
C SER D 36 -17.67 -10.00 8.29
N GLU D 37 -18.13 -9.39 9.39
CA GLU D 37 -17.39 -9.43 10.65
C GLU D 37 -17.14 -10.88 11.04
N ARG D 38 -18.18 -11.70 10.99
CA ARG D 38 -18.08 -13.10 11.38
C ARG D 38 -17.02 -13.81 10.54
N ASP D 39 -17.03 -13.56 9.23
CA ASP D 39 -16.09 -14.18 8.33
C ASP D 39 -14.65 -13.82 8.70
N VAL D 40 -14.46 -12.61 9.21
CA VAL D 40 -13.14 -12.18 9.66
C VAL D 40 -12.71 -13.02 10.85
N ARG D 41 -13.60 -13.17 11.82
CA ARG D 41 -13.30 -13.98 13.01
C ARG D 41 -12.96 -15.41 12.61
N ARG D 42 -13.66 -15.93 11.61
CA ARG D 42 -13.41 -17.28 11.11
C ARG D 42 -12.00 -17.38 10.51
N LYS D 43 -11.64 -16.42 9.68
CA LYS D 43 -10.32 -16.41 9.04
C LYS D 43 -9.21 -16.29 10.06
N LEU D 44 -9.44 -15.47 11.08
CA LEU D 44 -8.41 -15.20 12.09
C LEU D 44 -8.46 -16.18 13.25
N GLU D 45 -9.48 -17.04 13.27
CA GLU D 45 -9.60 -18.02 14.35
C GLU D 45 -8.35 -18.89 14.42
N GLY D 46 -7.84 -19.04 15.63
CA GLY D 46 -6.70 -19.92 15.86
C GLY D 46 -5.40 -19.19 16.06
N ARG D 47 -5.29 -17.98 15.52
CA ARG D 47 -4.06 -17.20 15.64
C ARG D 47 -3.83 -16.69 17.06
N PRO D 48 -2.56 -16.47 17.43
CA PRO D 48 -2.19 -16.04 18.78
C PRO D 48 -2.52 -14.56 19.05
N ILE D 49 -3.71 -14.15 18.63
CA ILE D 49 -4.13 -12.76 18.79
C ILE D 49 -5.49 -12.68 19.46
N ASN D 50 -5.83 -11.48 19.91
CA ASN D 50 -7.12 -11.24 20.54
C ASN D 50 -7.77 -10.00 19.94
N ILE D 51 -8.90 -10.21 19.29
CA ILE D 51 -9.61 -9.13 18.60
C ILE D 51 -10.31 -8.22 19.60
N GLU D 52 -10.23 -6.91 19.38
CA GLU D 52 -10.87 -5.93 20.24
C GLU D 52 -12.01 -5.22 19.53
N TYR D 53 -11.93 -5.16 18.20
CA TYR D 53 -12.97 -4.48 17.41
C TYR D 53 -12.76 -4.77 15.94
N ILE D 54 -13.85 -4.73 15.18
CA ILE D 54 -13.81 -4.93 13.73
C ILE D 54 -14.56 -3.81 13.03
N GLN D 55 -13.83 -3.01 12.25
CA GLN D 55 -14.39 -1.83 11.58
C GLN D 55 -14.54 -2.05 10.08
N PRO D 56 -15.80 -2.02 9.57
CA PRO D 56 -15.96 -2.04 8.11
C PRO D 56 -15.46 -0.76 7.46
N LEU D 57 -14.80 -0.87 6.31
CA LEU D 57 -14.26 0.28 5.61
C LEU D 57 -14.92 0.49 4.25
N GLU D 58 -15.70 1.55 4.13
CA GLU D 58 -16.30 1.91 2.85
C GLU D 58 -15.24 2.46 1.88
N GLY D 59 -15.33 2.05 0.62
CA GLY D 59 -14.45 2.57 -0.41
C GLY D 59 -12.99 2.20 -0.23
N ALA D 60 -12.72 1.24 0.64
CA ALA D 60 -11.35 0.77 0.90
C ALA D 60 -11.01 -0.38 -0.02
N HIS D 61 -9.72 -0.53 -0.33
CA HIS D 61 -9.25 -1.58 -1.23
C HIS D 61 -7.90 -2.11 -0.82
N LEU D 62 -7.57 -3.30 -1.32
CA LEU D 62 -6.23 -3.84 -1.23
C LEU D 62 -5.59 -3.75 -2.62
N GLU D 63 -4.30 -4.05 -2.71
CA GLU D 63 -3.56 -3.81 -3.94
C GLU D 63 -4.16 -4.55 -5.13
N TYR D 64 -4.51 -5.82 -4.92
CA TYR D 64 -5.05 -6.65 -6.00
C TYR D 64 -6.44 -7.16 -5.65
N GLU D 65 -7.38 -6.94 -6.56
CA GLU D 65 -8.75 -7.38 -6.39
C GLU D 65 -9.29 -8.01 -7.67
N HIS E 6 14.68 -30.94 8.81
CA HIS E 6 14.59 -30.12 7.60
C HIS E 6 13.59 -30.72 6.62
N HIS E 7 13.24 -29.94 5.60
CA HIS E 7 12.38 -30.43 4.52
C HIS E 7 12.75 -29.76 3.19
N ILE E 9 11.59 -29.61 -1.36
CA ILE E 9 10.50 -29.79 -2.31
C ILE E 9 10.98 -30.58 -3.52
N PHE E 10 10.12 -31.51 -3.97
CA PHE E 10 10.45 -32.38 -5.09
C PHE E 10 9.43 -32.27 -6.21
N LYS E 11 9.90 -32.35 -7.44
CA LYS E 11 9.01 -32.40 -8.60
C LYS E 11 8.87 -33.85 -9.01
N VAL E 12 7.63 -34.33 -9.01
CA VAL E 12 7.35 -35.74 -9.29
C VAL E 12 6.65 -35.89 -10.64
N PHE E 13 7.36 -36.45 -11.61
CA PHE E 13 6.76 -36.82 -12.88
C PHE E 13 6.05 -38.15 -12.71
N TYR E 14 4.78 -38.22 -13.09
CA TYR E 14 4.02 -39.45 -12.88
C TYR E 14 2.93 -39.65 -13.91
N GLN E 15 2.45 -40.89 -13.99
CA GLN E 15 1.36 -41.27 -14.88
C GLN E 15 0.25 -41.90 -14.05
N GLU E 16 -0.98 -41.81 -14.55
CA GLU E 16 -2.12 -42.46 -13.91
C GLU E 16 -2.42 -43.79 -14.59
N ASP E 17 -3.52 -44.43 -14.21
CA ASP E 17 -3.91 -45.70 -14.80
C ASP E 17 -5.38 -46.01 -14.51
N THR E 27 1.34 -37.27 -19.24
CA THR E 27 2.24 -37.20 -18.08
C THR E 27 1.94 -35.98 -17.23
N LYS E 28 1.56 -36.22 -15.98
CA LYS E 28 1.26 -35.16 -15.04
C LYS E 28 2.43 -34.93 -14.09
N THR E 29 2.39 -33.83 -13.35
CA THR E 29 3.45 -33.48 -12.41
C THR E 29 2.87 -33.12 -11.05
N TYR E 31 4.15 -31.30 -7.16
CA TYR E 31 5.13 -30.63 -6.29
C TYR E 31 4.78 -30.91 -4.84
N ILE E 32 5.75 -31.48 -4.12
CA ILE E 32 5.48 -32.02 -2.80
C ILE E 32 6.65 -31.83 -1.85
N GLU E 33 6.34 -31.43 -0.62
CA GLU E 33 7.34 -31.30 0.43
C GLU E 33 7.70 -32.67 0.98
N ALA E 34 8.98 -32.90 1.20
CA ALA E 34 9.46 -34.16 1.77
C ALA E 34 10.93 -34.05 2.18
N GLU E 35 11.44 -35.11 2.79
CA GLU E 35 12.79 -35.11 3.35
C GLU E 35 13.77 -35.93 2.51
N SER E 36 13.24 -36.74 1.58
CA SER E 36 14.09 -37.54 0.71
C SER E 36 13.29 -38.12 -0.46
N GLU E 37 13.99 -38.65 -1.46
CA GLU E 37 13.34 -39.29 -2.59
C GLU E 37 12.60 -40.54 -2.14
N ARG E 38 13.15 -41.26 -1.18
CA ARG E 38 12.49 -42.45 -0.67
C ARG E 38 11.20 -42.08 0.05
N ASP E 39 11.17 -40.88 0.63
CA ASP E 39 10.02 -40.43 1.40
C ASP E 39 8.82 -40.14 0.51
N VAL E 40 9.04 -39.46 -0.62
CA VAL E 40 7.96 -39.11 -1.53
C VAL E 40 7.36 -40.37 -2.13
N ARG E 41 8.18 -41.40 -2.30
CA ARG E 41 7.70 -42.68 -2.78
C ARG E 41 6.71 -43.26 -1.77
N ARG E 42 7.09 -43.23 -0.50
CA ARG E 42 6.24 -43.77 0.57
C ARG E 42 4.96 -42.97 0.71
N LYS E 43 5.07 -41.65 0.58
CA LYS E 43 3.92 -40.77 0.64
C LYS E 43 2.92 -41.09 -0.48
N LEU E 44 3.47 -41.41 -1.66
CA LEU E 44 2.64 -41.76 -2.82
C LEU E 44 2.41 -43.26 -2.92
N GLU E 45 3.09 -44.04 -2.08
CA GLU E 45 2.94 -45.49 -2.08
C GLU E 45 1.48 -45.87 -1.84
N GLY E 46 0.88 -46.57 -2.80
CA GLY E 46 -0.50 -47.01 -2.70
C GLY E 46 -1.41 -46.27 -3.66
N ARG E 47 -1.03 -45.04 -4.02
CA ARG E 47 -1.86 -44.23 -4.91
C ARG E 47 -2.00 -44.89 -6.28
N PRO E 48 -3.10 -44.58 -6.99
CA PRO E 48 -3.34 -45.16 -8.32
C PRO E 48 -2.56 -44.44 -9.41
N ILE E 49 -1.25 -44.31 -9.22
CA ILE E 49 -0.37 -43.61 -10.16
C ILE E 49 0.93 -44.35 -10.36
N ASN E 50 1.72 -43.88 -11.32
CA ASN E 50 3.00 -44.49 -11.65
C ASN E 50 4.09 -43.43 -11.81
N ILE E 51 5.05 -43.46 -10.89
CA ILE E 51 6.11 -42.46 -10.87
C ILE E 51 7.15 -42.76 -11.94
N GLU E 52 7.52 -41.73 -12.70
CA GLU E 52 8.51 -41.86 -13.77
C GLU E 52 9.86 -41.29 -13.34
N TYR E 53 9.83 -40.19 -12.60
CA TYR E 53 11.04 -39.52 -12.17
C TYR E 53 10.76 -38.58 -11.01
N ILE E 54 11.71 -38.48 -10.10
CA ILE E 54 11.63 -37.57 -8.97
C ILE E 54 12.79 -36.60 -9.06
N GLN E 55 12.45 -35.31 -9.14
CA GLN E 55 13.42 -34.26 -9.33
C GLN E 55 13.49 -33.36 -8.10
N PRO E 56 14.63 -33.37 -7.38
CA PRO E 56 14.76 -32.42 -6.28
C PRO E 56 14.91 -30.99 -6.78
N LEU E 57 14.22 -30.05 -6.14
CA LEU E 57 14.29 -28.64 -6.52
C LEU E 57 15.04 -27.81 -5.48
N GLU E 58 16.18 -27.27 -5.90
CA GLU E 58 17.03 -26.49 -5.01
C GLU E 58 16.42 -25.12 -4.76
N GLY E 59 16.40 -24.72 -3.48
CA GLY E 59 15.95 -23.39 -3.10
C GLY E 59 14.52 -23.07 -3.48
N ALA E 60 13.72 -24.11 -3.69
CA ALA E 60 12.30 -23.94 -3.99
C ALA E 60 11.53 -23.76 -2.69
N HIS E 61 10.25 -23.42 -2.81
CA HIS E 61 9.36 -23.28 -1.66
C HIS E 61 7.95 -23.64 -2.04
N LEU E 62 7.18 -24.17 -1.09
CA LEU E 62 5.76 -24.42 -1.31
C LEU E 62 4.94 -23.41 -0.54
N GLU E 63 3.92 -22.88 -1.21
CA GLU E 63 3.03 -21.90 -0.60
C GLU E 63 1.61 -22.46 -0.60
N TYR E 64 1.05 -22.67 0.60
CA TYR E 64 -0.28 -23.27 0.73
C TYR E 64 -1.36 -22.20 0.71
N GLU E 65 -1.08 -21.08 0.06
CA GLU E 65 -2.04 -20.01 -0.16
C GLU E 65 -2.40 -19.32 1.15
N ILE F 9 20.15 11.15 -10.96
CA ILE F 9 18.94 11.24 -11.79
C ILE F 9 19.29 11.37 -13.26
N PHE F 10 18.49 10.74 -14.11
CA PHE F 10 18.73 10.71 -15.55
C PHE F 10 17.50 11.16 -16.33
N LYS F 11 17.74 11.91 -17.40
CA LYS F 11 16.70 12.26 -18.36
C LYS F 11 16.81 11.36 -19.57
N VAL F 12 15.73 10.66 -19.90
CA VAL F 12 15.72 9.72 -21.01
C VAL F 12 14.78 10.19 -22.11
N PHE F 13 15.37 10.47 -23.27
CA PHE F 13 14.60 10.73 -24.49
C PHE F 13 14.26 9.40 -25.14
N TYR F 14 12.99 9.22 -25.50
CA TYR F 14 12.55 7.95 -26.05
C TYR F 14 11.31 8.08 -26.93
N GLN F 15 11.05 7.04 -27.71
CA GLN F 15 9.82 6.92 -28.48
C GLN F 15 9.16 5.58 -28.13
N GLU F 16 7.96 5.37 -28.65
CA GLU F 16 7.21 4.14 -28.36
C GLU F 16 6.96 3.34 -29.62
N ASP F 17 6.77 2.03 -29.46
CA ASP F 17 6.51 1.14 -30.60
C ASP F 17 5.13 1.37 -31.18
N LYS F 26 5.95 11.81 -31.88
CA LYS F 26 6.98 12.70 -31.37
C LYS F 26 7.81 12.02 -30.28
N THR F 27 8.85 12.70 -29.81
CA THR F 27 9.75 12.16 -28.80
C THR F 27 9.35 12.59 -27.39
N LYS F 28 9.25 11.60 -26.49
CA LYS F 28 8.84 11.83 -25.12
C LYS F 28 10.02 11.81 -24.16
N THR F 29 9.79 12.22 -22.92
CA THR F 29 10.84 12.28 -21.91
C THR F 29 10.37 11.67 -20.58
N TYR F 31 12.01 10.89 -16.43
CA TYR F 31 13.08 11.05 -15.46
C TYR F 31 13.15 9.85 -14.55
N ILE F 32 14.36 9.45 -14.20
CA ILE F 32 14.58 8.21 -13.46
C ILE F 32 15.87 8.28 -12.69
N GLU F 33 15.91 7.61 -11.54
CA GLU F 33 17.13 7.52 -10.75
C GLU F 33 17.88 6.24 -11.07
N ALA F 34 19.21 6.34 -11.14
CA ALA F 34 20.04 5.17 -11.37
C ALA F 34 21.46 5.49 -10.95
N GLU F 35 22.33 4.48 -10.99
CA GLU F 35 23.73 4.64 -10.61
C GLU F 35 24.64 4.80 -11.84
N SER F 36 24.06 4.61 -13.04
CA SER F 36 24.80 4.75 -14.29
C SER F 36 23.86 4.66 -15.49
N GLU F 37 24.37 5.02 -16.66
CA GLU F 37 23.59 4.93 -17.89
C GLU F 37 23.24 3.48 -18.20
N ARG F 38 24.15 2.55 -17.92
CA ARG F 38 23.88 1.14 -18.14
C ARG F 38 22.74 0.66 -17.26
N ASP F 39 22.70 1.15 -16.02
CA ASP F 39 21.67 0.76 -15.08
C ASP F 39 20.31 1.23 -15.56
N VAL F 40 20.30 2.38 -16.24
CA VAL F 40 19.06 2.91 -16.79
C VAL F 40 18.54 1.96 -17.86
N ARG F 41 19.42 1.53 -18.77
CA ARG F 41 19.02 0.64 -19.84
C ARG F 41 18.56 -0.69 -19.25
N ARG F 42 19.20 -1.08 -18.16
CA ARG F 42 18.84 -2.31 -17.48
C ARG F 42 17.45 -2.19 -16.86
N LYS F 43 17.14 -1.01 -16.33
CA LYS F 43 15.85 -0.77 -15.69
C LYS F 43 14.70 -0.64 -16.70
N LEU F 44 15.05 -0.37 -17.95
CA LEU F 44 14.04 -0.11 -18.98
C LEU F 44 13.92 -1.25 -19.98
N GLU F 45 14.72 -2.31 -19.80
CA GLU F 45 14.67 -3.44 -20.71
C GLU F 45 13.29 -4.09 -20.66
N GLY F 46 12.80 -4.52 -21.82
CA GLY F 46 11.52 -5.19 -21.91
C GLY F 46 10.38 -4.24 -22.23
N ARG F 47 10.57 -2.96 -21.96
CA ARG F 47 9.53 -1.97 -22.21
C ARG F 47 9.42 -1.63 -23.70
N PRO F 48 8.19 -1.39 -24.19
CA PRO F 48 7.99 -1.13 -25.62
C PRO F 48 8.35 0.31 -26.00
N ILE F 49 9.64 0.61 -25.99
CA ILE F 49 10.12 1.94 -26.34
C ILE F 49 11.44 1.87 -27.08
N ASN F 50 11.77 2.97 -27.76
CA ASN F 50 13.07 3.14 -28.38
C ASN F 50 13.78 4.32 -27.74
N ILE F 51 14.79 4.04 -26.93
CA ILE F 51 15.58 5.08 -26.29
C ILE F 51 16.41 5.83 -27.33
N GLU F 52 16.42 7.15 -27.23
CA GLU F 52 17.17 8.01 -28.14
C GLU F 52 18.44 8.53 -27.49
N TYR F 53 18.34 8.91 -26.22
CA TYR F 53 19.46 9.49 -25.51
C TYR F 53 19.24 9.48 -24.00
N ILE F 54 20.34 9.40 -23.26
CA ILE F 54 20.31 9.36 -21.80
C ILE F 54 21.22 10.43 -21.24
N GLN F 55 20.62 11.46 -20.66
CA GLN F 55 21.35 12.60 -20.11
C GLN F 55 21.44 12.51 -18.59
N PRO F 56 22.66 12.51 -18.03
CA PRO F 56 22.79 12.62 -16.58
C PRO F 56 22.54 14.04 -16.09
N LEU F 57 21.65 14.19 -15.11
CA LEU F 57 21.29 15.52 -14.58
C LEU F 57 21.98 15.81 -13.26
N GLU F 58 23.15 16.43 -13.32
CA GLU F 58 23.90 16.72 -12.11
C GLU F 58 23.12 17.72 -11.23
N GLY F 59 22.97 17.38 -9.96
CA GLY F 59 22.29 18.25 -9.00
C GLY F 59 20.79 18.06 -8.96
N ALA F 60 20.29 16.99 -9.57
CA ALA F 60 18.87 16.72 -9.63
C ALA F 60 18.46 15.67 -8.60
N HIS F 61 17.20 15.73 -8.16
CA HIS F 61 16.65 14.74 -7.26
C HIS F 61 15.17 14.54 -7.57
N LEU F 62 14.59 13.47 -7.03
CA LEU F 62 13.15 13.27 -7.05
C LEU F 62 12.59 13.66 -5.69
N GLU F 63 11.27 13.57 -5.54
CA GLU F 63 10.63 13.94 -4.28
C GLU F 63 11.10 13.04 -3.13
N TYR F 64 11.70 11.89 -3.48
CA TYR F 64 12.18 10.93 -2.49
C TYR F 64 13.60 10.49 -2.78
N ILE G 9 -16.72 17.58 10.03
CA ILE G 9 -15.35 17.70 10.52
C ILE G 9 -14.36 17.03 9.57
N PHE G 10 -13.14 17.56 9.57
CA PHE G 10 -12.08 17.09 8.69
C PHE G 10 -10.90 16.61 9.50
N LYS G 11 -10.20 15.61 8.99
CA LYS G 11 -8.95 15.17 9.57
C LYS G 11 -7.82 15.83 8.80
N VAL G 12 -7.03 16.64 9.49
CA VAL G 12 -5.94 17.38 8.86
C VAL G 12 -4.59 16.79 9.24
N PHE G 13 -3.87 16.28 8.25
CA PHE G 13 -2.50 15.82 8.44
C PHE G 13 -1.55 17.02 8.30
N TYR G 14 -0.73 17.25 9.32
CA TYR G 14 0.13 18.43 9.34
C TYR G 14 1.42 18.18 10.10
N GLN G 15 2.33 19.14 9.97
CA GLN G 15 3.55 19.16 10.76
C GLN G 15 3.94 20.60 11.05
N GLU G 16 4.62 20.83 12.16
CA GLU G 16 4.94 22.18 12.61
C GLU G 16 6.26 22.67 12.03
N THR G 27 3.98 12.25 11.58
CA THR G 27 3.24 13.48 11.32
C THR G 27 2.03 13.60 12.23
N LYS G 28 1.72 14.82 12.65
CA LYS G 28 0.63 15.06 13.59
C LYS G 28 -0.70 15.18 12.86
N THR G 29 -1.79 15.09 13.63
CA THR G 29 -3.13 15.21 13.08
C THR G 29 -4.02 16.11 13.91
N TYR G 31 -8.33 17.30 14.25
CA TYR G 31 -9.73 17.10 13.88
C TYR G 31 -10.50 18.40 14.11
N ILE G 32 -10.99 18.99 13.01
CA ILE G 32 -11.57 20.33 13.04
C ILE G 32 -12.87 20.40 12.25
N GLU G 33 -13.79 21.23 12.73
CA GLU G 33 -15.08 21.44 12.08
C GLU G 33 -14.99 22.58 11.05
N ALA G 34 -15.61 22.36 9.90
CA ALA G 34 -15.61 23.37 8.83
C ALA G 34 -16.62 23.00 7.75
N GLU G 35 -16.94 23.97 6.90
CA GLU G 35 -17.89 23.76 5.82
C GLU G 35 -17.22 23.17 4.58
N SER G 36 -15.90 23.29 4.51
CA SER G 36 -15.16 22.83 3.33
C SER G 36 -13.66 22.76 3.58
N GLU G 37 -12.96 22.13 2.64
CA GLU G 37 -11.51 22.01 2.72
C GLU G 37 -10.85 23.38 2.65
N ARG G 38 -11.42 24.27 1.84
CA ARG G 38 -10.91 25.63 1.75
C ARG G 38 -11.11 26.35 3.07
N ASP G 39 -12.25 26.11 3.70
CA ASP G 39 -12.55 26.73 4.99
C ASP G 39 -11.55 26.28 6.04
N VAL G 40 -11.14 25.01 5.97
CA VAL G 40 -10.14 24.49 6.87
C VAL G 40 -8.84 25.27 6.72
N ARG G 41 -8.41 25.45 5.47
CA ARG G 41 -7.18 26.18 5.19
C ARG G 41 -7.27 27.61 5.68
N ARG G 42 -8.43 28.23 5.47
CA ARG G 42 -8.65 29.61 5.90
C ARG G 42 -8.64 29.72 7.43
N LYS G 43 -9.04 28.65 8.11
CA LYS G 43 -9.06 28.64 9.57
C LYS G 43 -7.70 28.34 10.17
N LEU G 44 -6.74 27.96 9.33
CA LEU G 44 -5.41 27.58 9.80
C LEU G 44 -4.32 28.50 9.28
N GLU G 45 -4.65 29.33 8.29
CA GLU G 45 -3.67 30.26 7.75
C GLU G 45 -3.13 31.14 8.87
N GLY G 46 -1.82 31.29 8.90
CA GLY G 46 -1.16 32.08 9.93
C GLY G 46 -0.51 31.21 10.98
N ARG G 47 -1.14 30.07 11.30
CA ARG G 47 -0.57 29.11 12.24
C ARG G 47 0.79 28.62 11.77
N PRO G 48 1.72 28.39 12.71
CA PRO G 48 3.02 27.82 12.32
C PRO G 48 2.87 26.34 11.94
N ILE G 49 2.21 26.10 10.83
CA ILE G 49 1.76 24.77 10.45
C ILE G 49 1.91 24.52 8.95
N ASN G 50 2.25 23.30 8.58
CA ASN G 50 2.32 22.90 7.18
C ASN G 50 1.33 21.78 6.88
N ILE G 51 0.25 22.12 6.20
CA ILE G 51 -0.78 21.14 5.85
C ILE G 51 -0.23 20.17 4.83
N GLU G 52 -0.32 18.88 5.13
CA GLU G 52 0.06 17.84 4.18
C GLU G 52 -1.16 17.37 3.41
N TYR G 53 -2.29 17.21 4.11
CA TYR G 53 -3.49 16.64 3.51
C TYR G 53 -4.70 16.87 4.40
N ILE G 54 -5.87 17.00 3.77
CA ILE G 54 -7.12 17.25 4.49
C ILE G 54 -8.14 16.18 4.09
N GLN G 55 -8.54 15.37 5.06
CA GLN G 55 -9.47 14.27 4.80
C GLN G 55 -10.84 14.64 5.35
N PRO G 56 -11.87 14.66 4.49
CA PRO G 56 -13.24 14.84 5.01
C PRO G 56 -13.74 13.58 5.71
N LEU G 57 -14.32 13.74 6.89
CA LEU G 57 -14.88 12.62 7.64
C LEU G 57 -16.40 12.69 7.65
N GLU G 58 -17.06 11.59 7.30
CA GLU G 58 -18.52 11.52 7.34
C GLU G 58 -18.95 10.59 8.47
N GLY G 59 -20.12 10.89 9.04
CA GLY G 59 -20.65 10.13 10.16
C GLY G 59 -19.84 10.38 11.43
N ALA G 60 -19.05 11.45 11.42
CA ALA G 60 -18.18 11.77 12.55
C ALA G 60 -18.56 13.10 13.19
N HIS G 61 -18.32 13.23 14.49
CA HIS G 61 -18.67 14.43 15.25
C HIS G 61 -17.61 14.75 16.28
N LEU G 62 -17.76 15.88 16.95
CA LEU G 62 -16.93 16.20 18.11
C LEU G 62 -17.71 15.78 19.36
N GLU G 63 -17.20 16.10 20.54
CA GLU G 63 -17.90 15.74 21.76
C GLU G 63 -19.19 16.53 21.91
N TYR G 64 -19.09 17.86 21.80
CA TYR G 64 -20.21 18.75 22.07
C TYR G 64 -20.74 18.52 23.48
N HIS H 6 -1.65 14.39 31.01
CA HIS H 6 -3.06 14.00 31.13
C HIS H 6 -3.95 14.80 30.17
N HIS H 7 -3.68 14.64 28.87
CA HIS H 7 -4.48 15.27 27.83
C HIS H 7 -4.27 14.52 26.53
N ILE H 9 -6.57 12.97 22.68
CA ILE H 9 -7.79 12.83 21.88
C ILE H 9 -8.12 11.36 21.66
N PHE H 10 -9.40 11.01 21.78
CA PHE H 10 -9.87 9.64 21.63
C PHE H 10 -10.92 9.55 20.53
N LYS H 11 -10.79 8.54 19.69
CA LYS H 11 -11.84 8.21 18.72
C LYS H 11 -12.74 7.14 19.31
N VAL H 12 -14.05 7.39 19.30
CA VAL H 12 -14.98 6.46 19.89
C VAL H 12 -16.07 6.07 18.91
N PHE H 13 -16.11 4.78 18.59
CA PHE H 13 -17.17 4.22 17.76
C PHE H 13 -18.43 4.00 18.60
N TYR H 14 -19.55 4.55 18.15
CA TYR H 14 -20.79 4.48 18.91
C TYR H 14 -22.02 4.46 18.02
N GLN H 15 -23.17 4.15 18.63
CA GLN H 15 -24.45 4.19 17.95
C GLN H 15 -25.53 4.59 18.96
N GLU H 16 -26.45 5.44 18.54
CA GLU H 16 -27.47 5.96 19.45
C GLU H 16 -28.46 4.88 19.86
N ASP H 17 -29.42 5.25 20.69
CA ASP H 17 -30.44 4.33 21.20
C ASP H 17 -29.80 3.16 21.95
N LYS H 26 -26.78 3.03 12.74
CA LYS H 26 -25.47 2.87 12.10
C LYS H 26 -24.35 3.28 13.06
N THR H 27 -23.16 2.75 12.83
CA THR H 27 -22.00 3.05 13.66
C THR H 27 -21.41 4.42 13.30
N LYS H 28 -21.62 5.38 14.19
CA LYS H 28 -21.04 6.71 14.04
C LYS H 28 -19.72 6.80 14.82
N THR H 29 -19.05 7.94 14.71
CA THR H 29 -17.82 8.18 15.45
C THR H 29 -17.80 9.59 16.02
N TYR H 31 -14.80 12.45 18.09
CA TYR H 31 -13.45 12.71 18.55
C TYR H 31 -13.52 13.60 19.77
N ILE H 32 -12.96 13.12 20.87
CA ILE H 32 -13.14 13.75 22.17
C ILE H 32 -11.84 13.82 22.96
N GLU H 33 -11.64 14.95 23.65
CA GLU H 33 -10.48 15.11 24.50
C GLU H 33 -10.75 14.51 25.87
N ALA H 34 -9.78 13.76 26.39
CA ALA H 34 -9.95 13.08 27.68
C ALA H 34 -8.62 12.63 28.26
N GLU H 35 -8.61 12.39 29.57
CA GLU H 35 -7.41 11.92 30.25
C GLU H 35 -7.16 10.44 30.01
N SER H 36 -8.24 9.70 29.74
CA SER H 36 -8.17 8.26 29.65
C SER H 36 -9.48 7.68 29.13
N GLU H 37 -9.47 6.37 28.88
CA GLU H 37 -10.65 5.70 28.35
C GLU H 37 -11.77 5.70 29.39
N ARG H 38 -11.39 5.62 30.67
CA ARG H 38 -12.38 5.75 31.74
C ARG H 38 -13.02 7.13 31.64
N ASP H 39 -12.18 8.15 31.52
CA ASP H 39 -12.65 9.52 31.45
C ASP H 39 -13.61 9.71 30.29
N VAL H 40 -13.34 9.02 29.17
CA VAL H 40 -14.23 9.06 28.02
C VAL H 40 -15.60 8.48 28.42
N ARG H 41 -15.59 7.27 28.96
CA ARG H 41 -16.81 6.61 29.39
C ARG H 41 -17.57 7.47 30.39
N ARG H 42 -16.81 8.18 31.22
CA ARG H 42 -17.37 9.08 32.22
C ARG H 42 -18.07 10.28 31.59
N LYS H 43 -17.41 10.88 30.59
CA LYS H 43 -17.96 12.06 29.91
C LYS H 43 -19.22 11.73 29.11
N LEU H 44 -19.34 10.46 28.69
CA LEU H 44 -20.42 10.06 27.79
C LEU H 44 -21.53 9.22 28.46
N GLU H 45 -21.38 8.89 29.74
CA GLU H 45 -22.34 8.02 30.41
C GLU H 45 -23.71 8.67 30.50
N GLY H 46 -23.75 9.99 30.49
CA GLY H 46 -25.00 10.73 30.58
C GLY H 46 -25.56 11.10 29.22
N ARG H 47 -25.39 10.20 28.25
CA ARG H 47 -25.90 10.42 26.90
C ARG H 47 -26.44 9.12 26.32
N PRO H 48 -27.49 9.20 25.47
CA PRO H 48 -28.13 8.01 24.92
C PRO H 48 -27.39 7.41 23.73
N ILE H 49 -26.22 6.82 23.99
CA ILE H 49 -25.44 6.15 22.96
C ILE H 49 -24.80 4.89 23.52
N ASN H 50 -24.51 3.95 22.62
CA ASN H 50 -23.87 2.70 22.99
C ASN H 50 -22.46 2.60 22.39
N ILE H 51 -21.46 2.86 23.22
CA ILE H 51 -20.06 2.81 22.79
C ILE H 51 -19.68 1.41 22.37
N GLU H 52 -19.10 1.30 21.17
CA GLU H 52 -18.66 0.02 20.63
C GLU H 52 -17.16 -0.18 20.89
N TYR H 53 -16.40 0.90 20.75
CA TYR H 53 -14.96 0.82 20.91
C TYR H 53 -14.38 2.22 21.11
N ILE H 54 -13.26 2.27 21.83
CA ILE H 54 -12.59 3.52 22.15
C ILE H 54 -11.13 3.43 21.71
N GLN H 55 -10.79 4.16 20.65
CA GLN H 55 -9.44 4.17 20.09
C GLN H 55 -8.66 5.41 20.52
N PRO H 56 -7.57 5.25 21.28
CA PRO H 56 -6.71 6.42 21.54
C PRO H 56 -5.90 6.83 20.30
N LEU H 57 -5.74 8.13 20.09
CA LEU H 57 -5.11 8.66 18.87
C LEU H 57 -3.79 9.37 19.15
N GLU H 58 -2.69 8.66 18.92
CA GLU H 58 -1.37 9.22 19.12
C GLU H 58 -1.18 10.48 18.27
N GLY H 59 -0.71 11.56 18.90
CA GLY H 59 -0.34 12.77 18.19
C GLY H 59 -1.52 13.56 17.60
N ALA H 60 -2.72 13.26 18.07
CA ALA H 60 -3.91 13.95 17.58
C ALA H 60 -4.17 15.22 18.38
N HIS H 61 -4.86 16.17 17.77
CA HIS H 61 -5.20 17.43 18.41
C HIS H 61 -6.58 17.92 17.96
N LEU H 62 -7.09 18.94 18.64
CA LEU H 62 -8.31 19.63 18.23
C LEU H 62 -7.96 21.05 17.80
N GLU H 63 -8.92 21.76 17.21
CA GLU H 63 -8.70 23.12 16.75
C GLU H 63 -8.24 24.01 17.91
N TYR H 64 -8.93 23.90 19.05
CA TYR H 64 -8.56 24.63 20.25
C TYR H 64 -8.61 26.14 20.03
#